data_5DRP
#
_entry.id   5DRP
#
_cell.length_a   45.657
_cell.length_b   50.419
_cell.length_c   61.730
_cell.angle_alpha   80.260
_cell.angle_beta   71.710
_cell.angle_gamma   88.900
#
_symmetry.space_group_name_H-M   'P 1'
#
loop_
_entity.id
_entity.type
_entity.pdbx_description
1 polymer 'UDP-3-O-[3-hydroxymyristoyl] N-acetylglucosamine deacetylase'
2 non-polymer 'ZINC ION'
3 non-polymer N~2~-{4-[4-(4-aminophenyl)buta-1,3-diyn-1-yl]benzoyl}-N-hydroxy-L-isoleucinamide
4 non-polymer 'CHLORIDE ION'
5 non-polymer 'DIMETHYL SULFOXIDE'
6 water water
#
_entity_poly.entity_id   1
_entity_poly.type   'polypeptide(L)'
_entity_poly.pdbx_seq_one_letter_code
;MGLEKTVKEKLSFEGVGIHTGEYSKLIIHPEKEGTGIRFFKNGVYIPARHEFVVHTNHSTDLGFKGQRIKTVEHILSVLH
LLEITNVTIEVIGNEIPILDGSGWEFYEAIRKNILNQNREIDYFVVEEPIIVEDEGRLIKAEPSDTLEVTYEGEFKNFLG
RQKFTFVEGNEEEIVLARTFAFDWEIEHIKKVGLGKGGSLKNTLVLGKDKVYNPEGLRYENEPVRHKVFDLIGDLYLLGS
PVKGKFYSFRGGHSLNVKLVKELAKKQKLTRDLP
;
_entity_poly.pdbx_strand_id   A,B
#
# COMPACT_ATOMS: atom_id res chain seq x y z
N GLY A 2 -32.70 -4.45 -11.44
CA GLY A 2 -32.89 -3.58 -12.59
C GLY A 2 -32.22 -4.10 -13.85
N LEU A 3 -32.23 -3.29 -14.89
CA LEU A 3 -31.64 -3.69 -16.17
C LEU A 3 -30.29 -3.00 -16.38
N GLU A 4 -29.46 -3.59 -17.23
CA GLU A 4 -28.15 -2.99 -17.50
C GLU A 4 -28.30 -1.60 -18.09
N LYS A 5 -27.30 -0.75 -17.86
CA LYS A 5 -27.36 0.63 -18.34
C LYS A 5 -26.01 1.09 -18.89
N THR A 6 -26.07 2.05 -19.80
CA THR A 6 -24.88 2.73 -20.28
C THR A 6 -25.23 4.21 -20.36
N VAL A 7 -24.35 5.04 -20.93
CA VAL A 7 -24.68 6.45 -21.15
C VAL A 7 -25.25 6.68 -22.54
N LYS A 8 -26.08 7.71 -22.69
CA LYS A 8 -26.72 8.01 -23.98
C LYS A 8 -25.74 8.57 -24.98
N GLU A 9 -24.72 9.26 -24.48
CA GLU A 9 -23.68 9.82 -25.33
C GLU A 9 -22.40 10.01 -24.53
N LYS A 10 -21.31 10.32 -25.23
CA LYS A 10 -20.03 10.55 -24.58
C LYS A 10 -20.12 11.70 -23.59
N LEU A 11 -19.54 11.49 -22.41
CA LEU A 11 -19.43 12.52 -21.37
C LEU A 11 -17.97 12.70 -21.01
N SER A 12 -17.56 13.94 -20.78
CA SER A 12 -16.18 14.17 -20.36
C SER A 12 -16.12 14.98 -19.07
N PHE A 13 -15.06 14.75 -18.31
CA PHE A 13 -14.79 15.47 -17.07
C PHE A 13 -13.30 15.78 -17.01
N GLU A 14 -12.95 16.96 -16.51
CA GLU A 14 -11.55 17.38 -16.46
C GLU A 14 -11.25 18.11 -15.17
N GLY A 15 -10.00 18.02 -14.73
CA GLY A 15 -9.57 18.70 -13.52
C GLY A 15 -8.36 18.10 -12.84
N VAL A 16 -7.91 18.76 -11.77
CA VAL A 16 -6.75 18.30 -11.01
C VAL A 16 -7.08 17.01 -10.24
N GLY A 17 -6.09 16.13 -10.08
CA GLY A 17 -6.22 14.93 -9.27
C GLY A 17 -5.80 15.23 -7.83
N ILE A 18 -6.52 14.68 -6.86
CA ILE A 18 -6.30 15.08 -5.47
C ILE A 18 -4.89 14.74 -4.97
N HIS A 19 -4.32 13.64 -5.45
CA HIS A 19 -3.03 13.20 -4.95
C HIS A 19 -1.86 13.63 -5.82
N THR A 20 -2.01 13.50 -7.13
CA THR A 20 -0.93 13.87 -8.05
C THR A 20 -0.78 15.38 -8.18
N GLY A 21 -1.87 16.11 -8.09
CA GLY A 21 -1.84 17.54 -8.29
C GLY A 21 -1.73 17.85 -9.78
N GLU A 22 -1.90 16.82 -10.59
CA GLU A 22 -1.79 16.94 -12.04
C GLU A 22 -3.16 17.05 -12.68
N TYR A 23 -3.23 17.73 -13.82
CA TYR A 23 -4.48 17.90 -14.53
C TYR A 23 -4.76 16.64 -15.36
N SER A 24 -6.00 16.19 -15.36
CA SER A 24 -6.34 15.04 -16.19
C SER A 24 -7.73 15.16 -16.80
N LYS A 25 -8.01 14.29 -17.76
CA LYS A 25 -9.30 14.32 -18.44
C LYS A 25 -9.88 12.91 -18.54
N LEU A 26 -11.19 12.83 -18.36
CA LEU A 26 -11.92 11.58 -18.48
C LEU A 26 -12.91 11.69 -19.62
N ILE A 27 -13.03 10.63 -20.42
CA ILE A 27 -14.11 10.56 -21.39
C ILE A 27 -14.87 9.25 -21.15
N ILE A 28 -16.16 9.35 -20.88
CA ILE A 28 -16.96 8.16 -20.62
C ILE A 28 -17.69 7.73 -21.89
N HIS A 29 -17.35 6.55 -22.39
CA HIS A 29 -17.87 6.04 -23.65
C HIS A 29 -18.97 5.00 -23.45
N PRO A 30 -20.03 5.06 -24.27
CA PRO A 30 -21.07 4.02 -24.23
C PRO A 30 -20.53 2.66 -24.64
N GLU A 31 -21.09 1.59 -24.07
CA GLU A 31 -20.78 0.24 -24.50
C GLU A 31 -22.05 -0.61 -24.51
N LYS A 32 -22.05 -1.68 -25.29
CA LYS A 32 -23.21 -2.55 -25.39
C LYS A 32 -23.36 -3.44 -24.15
N GLU A 33 -24.48 -4.15 -24.08
CA GLU A 33 -24.75 -5.11 -23.01
C GLU A 33 -23.61 -6.10 -22.83
N GLY A 34 -23.30 -6.44 -21.58
CA GLY A 34 -22.34 -7.48 -21.28
C GLY A 34 -20.88 -7.05 -21.27
N THR A 35 -20.64 -5.78 -21.57
CA THR A 35 -19.27 -5.29 -21.67
C THR A 35 -18.62 -5.11 -20.30
N GLY A 36 -19.37 -4.50 -19.38
CA GLY A 36 -18.83 -4.22 -18.06
C GLY A 36 -18.19 -2.84 -17.98
N ILE A 37 -17.62 -2.54 -16.83
CA ILE A 37 -16.98 -1.26 -16.61
C ILE A 37 -15.49 -1.44 -16.77
N ARG A 38 -14.88 -0.67 -17.64
CA ARG A 38 -13.43 -0.75 -17.82
C ARG A 38 -12.86 0.63 -18.03
N PHE A 39 -11.62 0.82 -17.59
CA PHE A 39 -10.88 2.03 -17.90
C PHE A 39 -10.03 1.78 -19.13
N PHE A 40 -9.62 2.86 -19.78
CA PHE A 40 -8.76 2.78 -20.95
C PHE A 40 -7.72 3.90 -20.87
N LYS A 41 -6.45 3.53 -20.99
CA LYS A 41 -5.37 4.51 -20.92
C LYS A 41 -4.18 4.08 -21.76
N ASN A 42 -3.79 4.92 -22.72
CA ASN A 42 -2.63 4.66 -23.57
C ASN A 42 -2.69 3.33 -24.31
N GLY A 43 -3.84 3.03 -24.90
CA GLY A 43 -4.00 1.82 -25.69
C GLY A 43 -4.33 0.58 -24.89
N VAL A 44 -4.42 0.72 -23.56
CA VAL A 44 -4.62 -0.41 -22.68
C VAL A 44 -5.96 -0.39 -21.92
N TYR A 45 -6.73 -1.47 -22.04
CA TYR A 45 -7.95 -1.61 -21.27
C TYR A 45 -7.67 -2.12 -19.86
N ILE A 46 -8.21 -1.43 -18.86
CA ILE A 46 -8.05 -1.83 -17.46
C ILE A 46 -9.41 -2.00 -16.83
N PRO A 47 -9.90 -3.24 -16.76
CA PRO A 47 -11.22 -3.52 -16.20
C PRO A 47 -11.35 -3.02 -14.75
N ALA A 48 -12.52 -2.50 -14.39
CA ALA A 48 -12.76 -2.08 -13.01
C ALA A 48 -13.03 -3.29 -12.14
N ARG A 49 -12.00 -4.10 -11.92
CA ARG A 49 -12.13 -5.32 -11.14
C ARG A 49 -10.94 -5.48 -10.21
N HIS A 50 -11.14 -6.22 -9.12
CA HIS A 50 -10.14 -6.32 -8.06
C HIS A 50 -8.79 -6.86 -8.55
N GLU A 51 -8.79 -7.66 -9.61
CA GLU A 51 -7.54 -8.25 -10.11
C GLU A 51 -6.55 -7.18 -10.59
N PHE A 52 -7.05 -5.99 -10.89
CA PHE A 52 -6.20 -4.93 -11.44
C PHE A 52 -5.87 -3.83 -10.43
N VAL A 53 -6.17 -4.06 -9.16
CA VAL A 53 -5.79 -3.10 -8.13
C VAL A 53 -4.28 -3.19 -7.86
N VAL A 54 -3.60 -2.04 -7.85
CA VAL A 54 -2.16 -2.02 -7.65
C VAL A 54 -1.74 -1.12 -6.47
N HIS A 55 -2.68 -0.40 -5.89
CA HIS A 55 -2.38 0.41 -4.71
C HIS A 55 -3.67 0.73 -3.93
N THR A 56 -3.55 0.79 -2.61
CA THR A 56 -4.72 1.00 -1.76
C THR A 56 -4.42 1.94 -0.57
N ASN A 57 -3.35 2.72 -0.67
CA ASN A 57 -3.01 3.67 0.41
C ASN A 57 -3.62 5.06 0.19
N HIS A 58 -4.71 5.34 0.91
CA HIS A 58 -5.47 6.61 0.82
C HIS A 58 -6.19 6.80 -0.52
N SER A 59 -6.15 5.78 -1.37
CA SER A 59 -6.93 5.76 -2.62
C SER A 59 -6.89 4.36 -3.18
N THR A 60 -7.78 4.07 -4.12
CA THR A 60 -7.73 2.81 -4.83
C THR A 60 -7.19 3.06 -6.24
N ASP A 61 -6.03 2.48 -6.54
CA ASP A 61 -5.41 2.67 -7.86
C ASP A 61 -5.46 1.38 -8.67
N LEU A 62 -5.69 1.53 -9.98
CA LEU A 62 -5.73 0.38 -10.88
C LEU A 62 -4.57 0.45 -11.86
N GLY A 63 -4.10 -0.73 -12.28
CA GLY A 63 -3.02 -0.78 -13.25
C GLY A 63 -3.02 -2.03 -14.11
N PHE A 64 -2.39 -1.93 -15.27
CA PHE A 64 -2.18 -3.07 -16.15
C PHE A 64 -1.11 -2.73 -17.18
N LYS A 65 -0.18 -3.65 -17.40
CA LYS A 65 0.88 -3.46 -18.40
C LYS A 65 1.63 -2.15 -18.23
N GLY A 66 1.89 -1.76 -16.99
CA GLY A 66 2.66 -0.56 -16.71
C GLY A 66 1.87 0.74 -16.82
N GLN A 67 0.58 0.63 -17.14
CA GLN A 67 -0.30 1.80 -17.17
C GLN A 67 -1.09 1.88 -15.87
N ARG A 68 -0.99 3.02 -15.18
CA ARG A 68 -1.63 3.17 -13.87
C ARG A 68 -2.65 4.32 -13.84
N ILE A 69 -3.77 4.10 -13.16
CA ILE A 69 -4.76 5.15 -12.91
C ILE A 69 -5.04 5.28 -11.41
N LYS A 70 -4.75 6.45 -10.85
CA LYS A 70 -4.97 6.66 -9.42
C LYS A 70 -6.39 7.13 -9.12
N THR A 71 -6.88 6.71 -7.95
CA THR A 71 -8.10 7.23 -7.32
C THR A 71 -9.36 6.97 -8.14
N VAL A 72 -9.68 5.70 -8.35
CA VAL A 72 -10.86 5.36 -9.12
C VAL A 72 -12.13 5.25 -8.26
N GLU A 73 -11.99 5.35 -6.95
CA GLU A 73 -13.09 4.95 -6.07
C GLU A 73 -14.31 5.86 -6.19
N HIS A 74 -14.12 7.14 -6.48
CA HIS A 74 -15.26 8.06 -6.48
C HIS A 74 -16.09 7.94 -7.75
N ILE A 75 -15.43 7.86 -8.91
CA ILE A 75 -16.18 7.67 -10.14
C ILE A 75 -16.86 6.30 -10.14
N LEU A 76 -16.17 5.27 -9.63
CA LEU A 76 -16.80 3.95 -9.57
C LEU A 76 -18.00 3.95 -8.64
N SER A 77 -17.91 4.69 -7.54
CA SER A 77 -19.02 4.70 -6.60
C SER A 77 -20.28 5.26 -7.23
N VAL A 78 -20.12 6.34 -7.99
CA VAL A 78 -21.26 6.98 -8.64
C VAL A 78 -21.87 6.02 -9.66
N LEU A 79 -21.01 5.35 -10.44
CA LEU A 79 -21.48 4.40 -11.44
C LEU A 79 -22.20 3.21 -10.81
N HIS A 80 -21.70 2.79 -9.65
CA HIS A 80 -22.34 1.71 -8.89
C HIS A 80 -23.73 2.16 -8.39
N LEU A 81 -23.81 3.37 -7.84
CA LEU A 81 -25.07 3.89 -7.32
C LEU A 81 -26.12 4.09 -8.40
N LEU A 82 -25.70 4.51 -9.59
CA LEU A 82 -26.64 4.69 -10.71
C LEU A 82 -26.88 3.40 -11.50
N GLU A 83 -26.17 2.34 -11.11
CA GLU A 83 -26.19 1.06 -11.80
C GLU A 83 -25.81 1.16 -13.27
N ILE A 84 -24.86 2.03 -13.58
CA ILE A 84 -24.26 2.04 -14.90
C ILE A 84 -23.33 0.83 -15.01
N THR A 85 -23.63 -0.10 -15.91
CA THR A 85 -22.92 -1.37 -15.96
C THR A 85 -22.00 -1.56 -17.17
N ASN A 86 -22.19 -0.77 -18.22
CA ASN A 86 -21.35 -0.90 -19.41
C ASN A 86 -20.85 0.44 -19.92
N VAL A 87 -19.62 0.81 -19.56
CA VAL A 87 -18.96 1.97 -20.15
C VAL A 87 -17.46 1.76 -20.23
N THR A 88 -16.81 2.54 -21.07
CA THR A 88 -15.35 2.60 -21.04
C THR A 88 -14.94 3.99 -20.57
N ILE A 89 -14.15 4.04 -19.52
CA ILE A 89 -13.66 5.31 -19.02
C ILE A 89 -12.25 5.56 -19.52
N GLU A 90 -12.16 6.30 -20.62
CA GLU A 90 -10.87 6.69 -21.18
C GLU A 90 -10.25 7.75 -20.29
N VAL A 91 -8.99 7.54 -19.90
CA VAL A 91 -8.31 8.49 -19.01
C VAL A 91 -7.07 9.04 -19.68
N ILE A 92 -7.00 10.37 -19.78
CA ILE A 92 -5.79 11.03 -20.26
C ILE A 92 -5.13 11.71 -19.05
N GLY A 93 -3.99 11.18 -18.63
CA GLY A 93 -3.36 11.60 -17.39
C GLY A 93 -3.26 10.43 -16.43
N ASN A 94 -2.98 10.72 -15.17
CA ASN A 94 -2.55 9.68 -14.23
C ASN A 94 -3.53 9.43 -13.08
N GLU A 95 -4.61 10.20 -13.05
CA GLU A 95 -5.53 10.16 -11.93
C GLU A 95 -6.90 10.68 -12.34
N ILE A 96 -7.94 10.13 -11.75
CA ILE A 96 -9.28 10.66 -11.93
C ILE A 96 -9.36 12.05 -11.28
N PRO A 97 -9.92 13.04 -11.98
CA PRO A 97 -10.10 14.38 -11.39
C PRO A 97 -10.93 14.31 -10.12
N ILE A 98 -10.54 15.08 -9.11
CA ILE A 98 -11.26 15.04 -7.84
C ILE A 98 -12.52 15.94 -7.91
N LEU A 99 -12.51 16.90 -8.82
CA LEU A 99 -13.61 17.86 -8.97
C LEU A 99 -13.93 18.55 -7.65
N ASP A 100 -15.18 18.43 -7.19
CA ASP A 100 -15.57 19.13 -5.97
C ASP A 100 -15.22 18.37 -4.68
N GLY A 101 -14.61 17.19 -4.80
CA GLY A 101 -14.24 16.40 -3.64
C GLY A 101 -15.24 15.29 -3.34
N SER A 102 -16.37 15.30 -4.04
CA SER A 102 -17.43 14.33 -3.83
C SER A 102 -17.83 13.71 -5.15
N GLY A 103 -18.91 12.93 -5.14
CA GLY A 103 -19.42 12.37 -6.37
C GLY A 103 -20.34 13.30 -7.16
N TRP A 104 -20.63 14.48 -6.63
CA TRP A 104 -21.77 15.28 -7.12
C TRP A 104 -21.73 15.58 -8.62
N GLU A 105 -20.61 16.11 -9.10
CA GLU A 105 -20.56 16.51 -10.50
C GLU A 105 -20.68 15.31 -11.43
N PHE A 106 -20.04 14.20 -11.07
CA PHE A 106 -20.20 12.95 -11.82
C PHE A 106 -21.66 12.51 -11.82
N TYR A 107 -22.24 12.46 -10.62
CA TYR A 107 -23.61 12.00 -10.43
C TYR A 107 -24.60 12.84 -11.23
N GLU A 108 -24.50 14.15 -11.09
CA GLU A 108 -25.38 15.09 -11.80
C GLU A 108 -25.36 14.89 -13.31
N ALA A 109 -24.16 14.80 -13.89
CA ALA A 109 -24.04 14.70 -15.34
C ALA A 109 -24.47 13.34 -15.88
N ILE A 110 -24.09 12.28 -15.18
CA ILE A 110 -24.37 10.93 -15.66
C ILE A 110 -25.85 10.56 -15.50
N ARG A 111 -26.45 11.02 -14.41
CA ARG A 111 -27.86 10.77 -14.12
C ARG A 111 -28.77 11.29 -15.23
N LYS A 112 -28.36 12.38 -15.86
CA LYS A 112 -29.15 13.01 -16.93
C LYS A 112 -28.97 12.30 -18.27
N ASN A 113 -28.03 11.38 -18.35
CA ASN A 113 -27.68 10.76 -19.61
C ASN A 113 -27.69 9.25 -19.57
N ILE A 114 -28.65 8.68 -18.85
CA ILE A 114 -28.70 7.23 -18.67
C ILE A 114 -29.45 6.57 -19.82
N LEU A 115 -28.90 5.48 -20.35
CA LEU A 115 -29.57 4.72 -21.39
C LEU A 115 -29.84 3.29 -20.90
N ASN A 116 -31.11 2.92 -20.84
CA ASN A 116 -31.47 1.55 -20.46
C ASN A 116 -31.15 0.56 -21.58
N GLN A 117 -30.68 -0.62 -21.20
CA GLN A 117 -30.36 -1.66 -22.16
C GLN A 117 -31.25 -2.89 -21.90
N ASN A 118 -31.07 -3.95 -22.68
CA ASN A 118 -32.02 -5.05 -22.66
C ASN A 118 -31.78 -6.07 -21.55
N ARG A 119 -30.52 -6.27 -21.20
CA ARG A 119 -30.12 -7.36 -20.32
C ARG A 119 -30.36 -7.07 -18.83
N GLU A 120 -30.83 -8.08 -18.10
CA GLU A 120 -30.93 -7.99 -16.65
C GLU A 120 -29.55 -7.88 -16.03
N ILE A 121 -29.41 -6.99 -15.05
CA ILE A 121 -28.16 -6.87 -14.33
C ILE A 121 -27.82 -8.19 -13.64
N ASP A 122 -26.57 -8.61 -13.79
CA ASP A 122 -26.05 -9.78 -13.10
C ASP A 122 -25.41 -9.35 -11.78
N TYR A 123 -26.24 -9.11 -10.77
CA TYR A 123 -25.76 -8.61 -9.47
C TYR A 123 -24.79 -9.58 -8.79
N PHE A 124 -23.76 -9.05 -8.15
CA PHE A 124 -22.99 -9.89 -7.24
C PHE A 124 -23.77 -9.99 -5.95
N VAL A 125 -24.25 -11.17 -5.64
CA VAL A 125 -25.07 -11.37 -4.46
C VAL A 125 -24.27 -12.01 -3.34
N VAL A 126 -24.14 -11.31 -2.22
CA VAL A 126 -23.54 -11.90 -1.04
C VAL A 126 -24.43 -13.06 -0.59
N GLU A 127 -23.85 -14.25 -0.48
CA GLU A 127 -24.67 -15.45 -0.28
C GLU A 127 -24.58 -16.01 1.13
N GLU A 128 -23.58 -15.57 1.88
CA GLU A 128 -23.43 -16.00 3.26
C GLU A 128 -22.63 -14.96 4.01
N PRO A 129 -22.81 -14.90 5.34
CA PRO A 129 -22.04 -13.99 6.18
C PRO A 129 -20.54 -14.15 5.93
N ILE A 130 -19.83 -13.03 5.95
CA ILE A 130 -18.38 -13.05 5.80
C ILE A 130 -17.81 -11.89 6.60
N ILE A 131 -16.61 -12.05 7.12
CA ILE A 131 -15.98 -10.97 7.88
C ILE A 131 -14.48 -10.93 7.60
N VAL A 132 -13.94 -9.73 7.42
CA VAL A 132 -12.50 -9.54 7.31
C VAL A 132 -12.09 -8.57 8.41
N GLU A 133 -10.90 -8.77 8.97
CA GLU A 133 -10.48 -7.97 10.13
C GLU A 133 -9.02 -7.56 10.04
N ASP A 134 -8.66 -6.49 10.74
CA ASP A 134 -7.27 -6.03 10.80
C ASP A 134 -7.00 -5.12 12.00
N GLU A 135 -6.62 -5.72 13.13
CA GLU A 135 -6.27 -4.99 14.34
C GLU A 135 -7.22 -3.84 14.67
N GLY A 136 -8.45 -4.17 15.06
CA GLY A 136 -9.41 -3.14 15.43
C GLY A 136 -10.04 -2.44 14.24
N ARG A 137 -9.87 -3.02 13.05
CA ARG A 137 -10.69 -2.66 11.90
C ARG A 137 -11.43 -3.92 11.48
N LEU A 138 -12.62 -3.75 10.96
CA LEU A 138 -13.46 -4.88 10.63
C LEU A 138 -14.44 -4.50 9.52
N ILE A 139 -14.64 -5.40 8.57
CA ILE A 139 -15.77 -5.29 7.66
C ILE A 139 -16.50 -6.61 7.58
N LYS A 140 -17.81 -6.57 7.73
CA LYS A 140 -18.58 -7.79 7.57
C LYS A 140 -19.68 -7.58 6.55
N ALA A 141 -20.10 -8.67 5.92
CA ALA A 141 -21.15 -8.61 4.93
C ALA A 141 -22.08 -9.78 5.13
N GLU A 142 -23.34 -9.60 4.75
CA GLU A 142 -24.31 -10.68 4.88
C GLU A 142 -25.33 -10.54 3.75
N PRO A 143 -26.12 -11.59 3.51
CA PRO A 143 -27.08 -11.49 2.40
C PRO A 143 -28.13 -10.40 2.61
N SER A 144 -28.50 -9.75 1.52
CA SER A 144 -29.57 -8.77 1.52
C SER A 144 -30.06 -8.59 0.09
N ASP A 145 -31.35 -8.30 -0.08
CA ASP A 145 -31.94 -8.11 -1.40
C ASP A 145 -31.62 -6.72 -1.96
N THR A 146 -31.11 -5.85 -1.09
CA THR A 146 -30.77 -4.49 -1.45
C THR A 146 -29.37 -4.17 -0.97
N LEU A 147 -28.76 -3.14 -1.55
CA LEU A 147 -27.48 -2.68 -1.08
C LEU A 147 -27.65 -1.77 0.13
N GLU A 148 -27.05 -2.18 1.24
CA GLU A 148 -27.08 -1.37 2.45
C GLU A 148 -25.68 -1.35 3.04
N VAL A 149 -25.17 -0.15 3.31
CA VAL A 149 -23.78 0.01 3.71
C VAL A 149 -23.65 0.95 4.89
N THR A 150 -23.10 0.45 5.99
CA THR A 150 -22.84 1.25 7.18
C THR A 150 -21.34 1.43 7.40
N TYR A 151 -20.92 2.66 7.70
CA TYR A 151 -19.55 2.89 8.14
C TYR A 151 -19.60 3.54 9.50
N GLU A 152 -18.76 3.05 10.41
CA GLU A 152 -18.62 3.65 11.72
C GLU A 152 -17.16 4.02 11.93
N GLY A 153 -16.92 5.28 12.28
CA GLY A 153 -15.56 5.73 12.48
C GLY A 153 -15.31 6.29 13.86
N GLU A 154 -14.03 6.48 14.18
CA GLU A 154 -13.63 7.11 15.42
C GLU A 154 -12.58 8.18 15.14
N PHE A 155 -12.90 9.41 15.47
CA PHE A 155 -12.03 10.53 15.13
C PHE A 155 -11.50 11.21 16.38
N LYS A 156 -10.21 11.53 16.37
CA LYS A 156 -9.56 12.19 17.50
C LYS A 156 -9.84 13.69 17.54
N ASN A 157 -11.09 14.06 17.29
CA ASN A 157 -11.51 15.46 17.41
C ASN A 157 -12.99 15.56 17.80
N PHE A 158 -13.59 16.71 17.53
CA PHE A 158 -14.96 16.99 17.95
C PHE A 158 -15.99 16.03 17.36
N LEU A 159 -15.66 15.39 16.26
CA LEU A 159 -16.55 14.43 15.62
C LEU A 159 -16.83 13.23 16.50
N GLY A 160 -15.81 12.80 17.24
CA GLY A 160 -15.94 11.64 18.10
C GLY A 160 -16.28 10.38 17.32
N ARG A 161 -17.09 9.51 17.92
CA ARG A 161 -17.54 8.32 17.22
C ARG A 161 -18.78 8.66 16.40
N GLN A 162 -18.77 8.27 15.13
CA GLN A 162 -19.87 8.58 14.21
C GLN A 162 -20.19 7.37 13.37
N LYS A 163 -21.41 7.30 12.85
CA LYS A 163 -21.71 6.28 11.84
C LYS A 163 -22.81 6.72 10.92
N PHE A 164 -22.80 6.16 9.71
CA PHE A 164 -23.86 6.45 8.77
C PHE A 164 -24.24 5.19 8.02
N THR A 165 -25.53 5.04 7.74
CA THR A 165 -25.99 3.92 6.94
C THR A 165 -26.67 4.39 5.65
N PHE A 166 -26.11 3.99 4.52
CA PHE A 166 -26.73 4.14 3.23
C PHE A 166 -27.69 2.99 2.98
N VAL A 167 -28.90 3.33 2.51
CA VAL A 167 -29.81 2.31 2.02
C VAL A 167 -30.20 2.68 0.59
N GLU A 168 -30.37 1.67 -0.25
CA GLU A 168 -30.77 1.87 -1.65
C GLU A 168 -31.87 2.92 -1.79
N GLY A 169 -31.70 3.83 -2.75
CA GLY A 169 -32.65 4.90 -2.96
C GLY A 169 -32.28 6.22 -2.32
N ASN A 170 -31.32 6.21 -1.40
CA ASN A 170 -30.92 7.42 -0.69
C ASN A 170 -29.54 7.96 -1.09
N GLU A 171 -29.18 7.83 -2.36
CA GLU A 171 -27.83 8.17 -2.78
C GLU A 171 -27.52 9.65 -2.61
N GLU A 172 -28.55 10.49 -2.55
CA GLU A 172 -28.32 11.92 -2.39
C GLU A 172 -27.77 12.23 -1.01
N GLU A 173 -27.87 11.26 -0.10
CA GLU A 173 -27.36 11.45 1.25
C GLU A 173 -25.84 11.20 1.31
N ILE A 174 -25.26 10.65 0.25
CA ILE A 174 -23.80 10.46 0.25
C ILE A 174 -23.04 11.05 -0.94
N VAL A 175 -23.72 11.31 -2.05
CA VAL A 175 -22.99 11.72 -3.27
C VAL A 175 -22.41 13.14 -3.16
N LEU A 176 -22.76 13.90 -2.12
CA LEU A 176 -22.16 15.21 -1.92
C LEU A 176 -21.18 15.26 -0.74
N ALA A 177 -20.97 14.13 -0.08
CA ALA A 177 -20.00 14.06 1.01
C ALA A 177 -18.56 14.11 0.47
N ARG A 178 -17.81 15.10 0.91
CA ARG A 178 -16.45 15.32 0.40
C ARG A 178 -15.41 14.43 1.04
N THR A 179 -14.35 14.17 0.29
CA THR A 179 -13.15 13.56 0.84
C THR A 179 -12.59 14.51 1.87
N PHE A 180 -11.81 13.99 2.81
CA PHE A 180 -11.44 14.80 3.96
C PHE A 180 -10.05 14.47 4.47
N ALA A 181 -9.49 15.41 5.23
CA ALA A 181 -8.16 15.24 5.80
C ALA A 181 -8.09 16.01 7.11
N PHE A 182 -7.19 15.59 8.00
CA PHE A 182 -7.04 16.25 9.29
C PHE A 182 -5.82 17.13 9.29
N ASP A 183 -5.90 18.28 9.95
CA ASP A 183 -4.82 19.27 9.88
C ASP A 183 -3.50 18.71 10.43
N TRP A 184 -3.58 17.78 11.38
CA TRP A 184 -2.37 17.23 11.99
C TRP A 184 -1.73 16.13 11.13
N GLU A 185 -2.41 15.74 10.06
CA GLU A 185 -1.86 14.75 9.14
C GLU A 185 -1.34 15.40 7.85
N ILE A 186 -1.53 16.71 7.74
CA ILE A 186 -1.16 17.43 6.52
C ILE A 186 0.33 17.35 6.21
N GLU A 187 1.17 17.58 7.21
CA GLU A 187 2.62 17.53 7.03
C GLU A 187 3.09 16.17 6.52
N HIS A 188 2.46 15.10 7.02
CA HIS A 188 2.85 13.76 6.62
C HIS A 188 2.43 13.44 5.19
N ILE A 189 1.16 13.68 4.86
CA ILE A 189 0.65 13.32 3.53
C ILE A 189 1.43 14.05 2.43
N LYS A 190 1.86 15.27 2.72
CA LYS A 190 2.65 16.03 1.77
C LYS A 190 4.06 15.45 1.64
N LYS A 191 4.66 15.05 2.76
CA LYS A 191 5.99 14.46 2.72
C LYS A 191 6.01 13.21 1.87
N VAL A 192 4.96 12.40 1.98
CA VAL A 192 4.91 11.16 1.22
C VAL A 192 4.29 11.37 -0.15
N GLY A 193 4.00 12.63 -0.48
CA GLY A 193 3.60 13.00 -1.82
C GLY A 193 2.15 12.76 -2.16
N LEU A 194 1.31 12.69 -1.15
CA LEU A 194 -0.14 12.60 -1.37
C LEU A 194 -0.77 13.98 -1.21
N GLY A 195 -2.01 14.12 -1.67
CA GLY A 195 -2.76 15.36 -1.49
C GLY A 195 -2.20 16.58 -2.19
N LYS A 196 -1.35 16.38 -3.20
CA LYS A 196 -0.75 17.51 -3.89
C LYS A 196 -1.77 18.40 -4.60
N GLY A 197 -2.96 17.87 -4.86
CA GLY A 197 -4.02 18.63 -5.49
C GLY A 197 -5.06 19.14 -4.51
N GLY A 198 -4.82 18.90 -3.22
CA GLY A 198 -5.78 19.24 -2.19
C GLY A 198 -5.92 20.73 -1.93
N SER A 199 -7.15 21.16 -1.64
CA SER A 199 -7.42 22.55 -1.31
C SER A 199 -8.77 22.64 -0.61
N LEU A 200 -9.10 23.81 -0.07
CA LEU A 200 -10.39 23.94 0.59
C LEU A 200 -11.52 23.91 -0.42
N LYS A 201 -11.18 23.97 -1.71
CA LYS A 201 -12.21 23.90 -2.75
C LYS A 201 -12.59 22.46 -3.08
N ASN A 202 -11.75 21.49 -2.69
CA ASN A 202 -12.05 20.09 -2.98
C ASN A 202 -11.87 19.12 -1.80
N THR A 203 -11.44 19.61 -0.64
CA THR A 203 -11.24 18.73 0.52
C THR A 203 -11.83 19.34 1.79
N LEU A 204 -12.58 18.53 2.54
CA LEU A 204 -13.02 18.90 3.89
C LEU A 204 -11.82 18.77 4.82
N VAL A 205 -11.35 19.88 5.38
CA VAL A 205 -10.16 19.83 6.23
C VAL A 205 -10.57 20.10 7.68
N LEU A 206 -10.25 19.17 8.56
CA LEU A 206 -10.77 19.18 9.92
C LEU A 206 -9.68 19.43 10.94
N GLY A 207 -10.02 20.18 11.98
CA GLY A 207 -9.12 20.42 13.09
C GLY A 207 -9.68 19.79 14.35
N LYS A 208 -9.06 20.10 15.48
CA LYS A 208 -9.48 19.56 16.78
C LYS A 208 -10.93 19.89 17.12
N ASP A 209 -11.32 21.15 16.89
CA ASP A 209 -12.65 21.63 17.23
C ASP A 209 -13.23 22.50 16.13
N LYS A 210 -12.70 22.37 14.92
CA LYS A 210 -13.17 23.21 13.84
C LYS A 210 -13.02 22.57 12.48
N VAL A 211 -13.65 23.23 11.50
CA VAL A 211 -13.50 22.90 10.10
C VAL A 211 -12.90 24.13 9.42
N TYR A 212 -11.88 23.92 8.59
CA TYR A 212 -11.19 25.02 7.92
C TYR A 212 -11.97 25.63 6.76
N ASN A 213 -12.77 24.80 6.08
CA ASN A 213 -13.50 25.22 4.89
C ASN A 213 -14.47 26.34 5.25
N PRO A 214 -14.51 27.39 4.41
CA PRO A 214 -15.45 28.50 4.62
C PRO A 214 -16.89 28.03 4.83
N GLU A 215 -17.33 27.03 4.07
CA GLU A 215 -18.72 26.59 4.16
C GLU A 215 -18.91 25.53 5.23
N GLY A 216 -17.82 25.15 5.90
CA GLY A 216 -17.90 24.19 7.00
C GLY A 216 -18.33 22.80 6.54
N LEU A 217 -19.01 22.08 7.43
CA LEU A 217 -19.51 20.75 7.13
C LEU A 217 -20.83 20.80 6.36
N ARG A 218 -20.96 19.95 5.36
CA ARG A 218 -22.23 19.78 4.67
C ARG A 218 -23.20 19.03 5.60
N TYR A 219 -22.70 18.00 6.28
CA TYR A 219 -23.47 17.24 7.26
C TYR A 219 -22.64 17.06 8.52
N GLU A 220 -23.29 16.93 9.66
CA GLU A 220 -22.58 16.72 10.92
C GLU A 220 -21.66 15.48 10.86
N ASN A 221 -22.06 14.48 10.08
CA ASN A 221 -21.28 13.26 9.94
C ASN A 221 -20.79 13.06 8.50
N GLU A 222 -20.43 14.17 7.85
CA GLU A 222 -19.94 14.11 6.48
C GLU A 222 -18.77 13.13 6.25
N PRO A 223 -17.75 13.10 7.15
CA PRO A 223 -16.66 12.15 6.91
C PRO A 223 -17.11 10.68 6.84
N VAL A 224 -18.00 10.24 7.71
CA VAL A 224 -18.39 8.83 7.62
C VAL A 224 -19.32 8.60 6.43
N ARG A 225 -20.07 9.63 6.02
CA ARG A 225 -20.82 9.53 4.78
C ARG A 225 -19.89 9.34 3.61
N HIS A 226 -18.75 10.04 3.63
CA HIS A 226 -17.81 9.89 2.54
C HIS A 226 -17.18 8.50 2.56
N LYS A 227 -16.92 7.97 3.75
CA LYS A 227 -16.34 6.62 3.85
C LYS A 227 -17.29 5.56 3.28
N VAL A 228 -18.59 5.75 3.46
CA VAL A 228 -19.58 4.86 2.88
C VAL A 228 -19.52 4.96 1.36
N PHE A 229 -19.48 6.19 0.86
CA PHE A 229 -19.30 6.44 -0.56
C PHE A 229 -18.05 5.73 -1.09
N ASP A 230 -16.93 5.84 -0.38
CA ASP A 230 -15.70 5.14 -0.80
C ASP A 230 -15.90 3.63 -0.87
N LEU A 231 -16.52 3.05 0.15
CA LEU A 231 -16.70 1.60 0.21
C LEU A 231 -17.57 1.10 -0.96
N ILE A 232 -18.59 1.88 -1.32
CA ILE A 232 -19.47 1.50 -2.42
C ILE A 232 -18.70 1.53 -3.75
N GLY A 233 -17.74 2.45 -3.85
CA GLY A 233 -16.87 2.48 -5.00
C GLY A 233 -15.95 1.27 -5.07
N ASP A 234 -15.38 0.91 -3.92
CA ASP A 234 -14.47 -0.24 -3.90
C ASP A 234 -15.24 -1.54 -4.11
N LEU A 235 -16.50 -1.57 -3.66
CA LEU A 235 -17.31 -2.79 -3.83
C LEU A 235 -17.57 -3.08 -5.29
N TYR A 236 -17.61 -2.04 -6.13
CA TYR A 236 -17.88 -2.24 -7.55
C TYR A 236 -16.73 -2.96 -8.26
N LEU A 237 -15.58 -3.06 -7.59
CA LEU A 237 -14.47 -3.88 -8.10
C LEU A 237 -14.80 -5.39 -8.12
N LEU A 238 -15.96 -5.77 -7.59
CA LEU A 238 -16.45 -7.14 -7.73
C LEU A 238 -16.85 -7.44 -9.17
N GLY A 239 -17.06 -6.39 -9.96
CA GLY A 239 -17.29 -6.54 -11.39
C GLY A 239 -18.72 -6.35 -11.84
N SER A 240 -19.63 -6.12 -10.89
CA SER A 240 -21.03 -5.86 -11.23
C SER A 240 -21.68 -5.25 -9.99
N PRO A 241 -22.89 -4.66 -10.13
CA PRO A 241 -23.59 -4.10 -8.98
C PRO A 241 -23.81 -5.12 -7.87
N VAL A 242 -23.80 -4.67 -6.63
CA VAL A 242 -23.74 -5.58 -5.49
C VAL A 242 -25.00 -5.58 -4.65
N LYS A 243 -25.43 -6.77 -4.24
CA LYS A 243 -26.53 -6.93 -3.31
C LYS A 243 -26.05 -7.57 -2.02
N GLY A 244 -26.02 -6.79 -0.94
CA GLY A 244 -25.65 -7.32 0.35
C GLY A 244 -25.70 -6.22 1.39
N LYS A 245 -25.64 -6.61 2.67
CA LYS A 245 -25.61 -5.65 3.76
C LYS A 245 -24.22 -5.61 4.35
N PHE A 246 -23.64 -4.42 4.42
CA PHE A 246 -22.24 -4.26 4.80
C PHE A 246 -22.07 -3.37 6.03
N TYR A 247 -21.14 -3.75 6.90
CA TYR A 247 -20.79 -2.94 8.06
C TYR A 247 -19.28 -2.80 8.16
N SER A 248 -18.79 -1.57 8.07
CA SER A 248 -17.38 -1.31 8.19
C SER A 248 -17.07 -0.51 9.44
N PHE A 249 -16.22 -1.04 10.30
CA PHE A 249 -15.69 -0.29 11.43
C PHE A 249 -14.25 0.08 11.14
N ARG A 250 -14.02 1.36 10.85
CA ARG A 250 -12.69 1.91 10.60
C ARG A 250 -11.98 1.29 9.39
N GLY A 251 -12.74 0.80 8.43
CA GLY A 251 -12.13 0.18 7.27
C GLY A 251 -11.55 1.23 6.34
N GLY A 252 -10.50 0.87 5.61
CA GLY A 252 -9.94 1.73 4.58
C GLY A 252 -9.94 0.99 3.25
N HIS A 253 -9.31 1.54 2.22
CA HIS A 253 -9.31 0.92 0.91
C HIS A 253 -8.66 -0.47 0.91
N SER A 254 -7.60 -0.64 1.70
CA SER A 254 -6.94 -1.93 1.79
C SER A 254 -7.90 -3.00 2.30
N LEU A 255 -8.57 -2.73 3.42
CA LEU A 255 -9.52 -3.69 3.96
C LEU A 255 -10.74 -3.85 3.04
N ASN A 256 -11.20 -2.75 2.42
CA ASN A 256 -12.30 -2.81 1.44
C ASN A 256 -11.98 -3.82 0.33
N VAL A 257 -10.81 -3.65 -0.27
CA VAL A 257 -10.38 -4.54 -1.34
C VAL A 257 -10.13 -5.97 -0.83
N LYS A 258 -9.65 -6.11 0.40
CA LYS A 258 -9.48 -7.44 1.00
C LYS A 258 -10.83 -8.16 1.07
N LEU A 259 -11.87 -7.44 1.47
CA LEU A 259 -13.23 -7.97 1.51
C LEU A 259 -13.72 -8.41 0.13
N VAL A 260 -13.54 -7.54 -0.85
CA VAL A 260 -13.90 -7.83 -2.24
C VAL A 260 -13.20 -9.09 -2.75
N LYS A 261 -11.90 -9.17 -2.49
CA LYS A 261 -11.13 -10.33 -2.91
C LYS A 261 -11.59 -11.64 -2.25
N GLU A 262 -11.99 -11.55 -0.98
CA GLU A 262 -12.46 -12.75 -0.27
C GLU A 262 -13.85 -13.14 -0.76
N LEU A 263 -14.68 -12.14 -1.06
CA LEU A 263 -16.00 -12.40 -1.61
C LEU A 263 -15.90 -13.08 -2.97
N ALA A 264 -15.02 -12.56 -3.82
CA ALA A 264 -14.76 -13.15 -5.12
C ALA A 264 -14.25 -14.58 -4.98
N LYS A 265 -13.35 -14.79 -4.02
CA LYS A 265 -12.75 -16.11 -3.83
C LYS A 265 -13.78 -17.11 -3.30
N LYS A 266 -14.67 -16.64 -2.43
CA LYS A 266 -15.70 -17.49 -1.84
C LYS A 266 -16.74 -17.93 -2.88
N GLN A 267 -17.13 -17.01 -3.77
CA GLN A 267 -18.11 -17.32 -4.80
C GLN A 267 -17.62 -18.44 -5.73
N LYS A 268 -16.35 -18.37 -6.12
CA LYS A 268 -15.76 -19.41 -6.94
C LYS A 268 -15.20 -20.53 -6.07
N GLY B 2 3.20 -7.40 -12.84
CA GLY B 2 3.70 -6.18 -13.41
C GLY B 2 4.92 -6.43 -14.30
N LEU B 3 5.46 -5.37 -14.88
CA LEU B 3 6.60 -5.49 -15.79
C LEU B 3 7.92 -5.39 -15.04
N GLU B 4 8.97 -6.00 -15.61
CA GLU B 4 10.31 -5.81 -15.08
C GLU B 4 10.65 -4.33 -15.07
N LYS B 5 11.45 -3.92 -14.09
CA LYS B 5 11.72 -2.51 -13.86
C LYS B 5 13.18 -2.25 -13.51
N THR B 6 13.69 -1.11 -13.97
CA THR B 6 14.97 -0.57 -13.51
C THR B 6 14.75 0.88 -13.08
N VAL B 7 15.84 1.65 -12.94
CA VAL B 7 15.73 3.06 -12.61
C VAL B 7 16.11 3.96 -13.80
N LYS B 8 15.59 5.18 -13.82
CA LYS B 8 15.78 6.09 -14.95
C LYS B 8 17.15 6.74 -15.01
N GLU B 9 17.88 6.70 -13.90
CA GLU B 9 19.16 7.37 -13.80
C GLU B 9 19.90 6.89 -12.58
N LYS B 10 21.22 7.07 -12.56
CA LYS B 10 22.03 6.74 -11.40
C LYS B 10 21.54 7.49 -10.17
N LEU B 11 21.31 6.75 -9.09
CA LEU B 11 20.85 7.34 -7.85
C LEU B 11 21.92 7.15 -6.77
N SER B 12 22.41 8.26 -6.23
CA SER B 12 23.51 8.19 -5.29
C SER B 12 23.06 8.54 -3.88
N PHE B 13 23.59 7.80 -2.92
CA PHE B 13 23.30 8.02 -1.49
C PHE B 13 24.61 7.91 -0.71
N GLU B 14 24.77 8.74 0.30
CA GLU B 14 25.99 8.71 1.09
C GLU B 14 25.70 8.97 2.56
N GLY B 15 26.53 8.40 3.44
CA GLY B 15 26.36 8.59 4.87
C GLY B 15 26.91 7.42 5.66
N VAL B 16 26.80 7.52 6.97
CA VAL B 16 27.34 6.52 7.89
C VAL B 16 26.54 5.22 7.81
N GLY B 17 27.22 4.08 8.02
CA GLY B 17 26.55 2.80 8.22
C GLY B 17 26.18 2.64 9.68
N ILE B 18 25.05 2.00 9.96
CA ILE B 18 24.54 2.00 11.32
C ILE B 18 25.43 1.18 12.28
N HIS B 19 26.01 0.09 11.79
CA HIS B 19 26.80 -0.77 12.65
C HIS B 19 28.29 -0.43 12.66
N THR B 20 28.84 -0.07 11.51
CA THR B 20 30.28 0.21 11.46
C THR B 20 30.59 1.63 11.91
N GLY B 21 29.64 2.54 11.74
CA GLY B 21 29.91 3.95 12.02
C GLY B 21 30.83 4.56 10.98
N GLU B 22 31.03 3.86 9.86
CA GLU B 22 31.93 4.33 8.82
C GLU B 22 31.17 4.91 7.65
N TYR B 23 31.74 5.93 7.02
CA TYR B 23 31.11 6.57 5.87
C TYR B 23 31.12 5.65 4.66
N SER B 24 30.02 5.62 3.92
CA SER B 24 29.98 4.87 2.68
C SER B 24 29.09 5.56 1.66
N LYS B 25 29.24 5.14 0.41
CA LYS B 25 28.46 5.70 -0.69
C LYS B 25 27.81 4.55 -1.45
N LEU B 26 26.55 4.73 -1.80
CA LEU B 26 25.79 3.75 -2.53
C LEU B 26 25.32 4.37 -3.84
N ILE B 27 25.49 3.64 -4.93
CA ILE B 27 25.03 4.12 -6.24
C ILE B 27 24.18 3.04 -6.90
N ILE B 28 22.95 3.39 -7.22
CA ILE B 28 22.04 2.47 -7.89
C ILE B 28 22.13 2.71 -9.38
N HIS B 29 22.61 1.71 -10.12
CA HIS B 29 22.80 1.82 -11.56
C HIS B 29 21.67 1.12 -12.30
N PRO B 30 21.18 1.73 -13.37
CA PRO B 30 20.20 1.05 -14.24
C PRO B 30 20.82 -0.20 -14.86
N GLU B 31 20.02 -1.22 -15.13
CA GLU B 31 20.52 -2.43 -15.77
C GLU B 31 19.50 -2.95 -16.77
N LYS B 32 19.97 -3.71 -17.76
CA LYS B 32 19.11 -4.24 -18.81
C LYS B 32 18.17 -5.32 -18.28
N GLU B 33 17.18 -5.66 -19.10
CA GLU B 33 16.25 -6.75 -18.81
C GLU B 33 16.97 -8.04 -18.49
N GLY B 34 16.43 -8.80 -17.54
CA GLY B 34 16.93 -10.13 -17.24
C GLY B 34 18.25 -10.16 -16.48
N THR B 35 18.70 -9.00 -16.01
CA THR B 35 19.97 -8.91 -15.29
C THR B 35 19.78 -9.30 -13.82
N GLY B 36 18.68 -8.85 -13.23
CA GLY B 36 18.41 -9.14 -11.83
C GLY B 36 19.07 -8.12 -10.92
N ILE B 37 19.00 -8.36 -9.62
CA ILE B 37 19.57 -7.47 -8.62
C ILE B 37 20.92 -7.97 -8.17
N ARG B 38 21.97 -7.18 -8.40
CA ARG B 38 23.31 -7.55 -7.95
C ARG B 38 23.96 -6.38 -7.24
N PHE B 39 24.74 -6.68 -6.22
CA PHE B 39 25.64 -5.69 -5.62
C PHE B 39 26.98 -5.70 -6.36
N PHE B 40 27.70 -4.58 -6.30
CA PHE B 40 29.01 -4.47 -6.91
C PHE B 40 29.92 -3.78 -5.91
N LYS B 41 31.05 -4.40 -5.61
CA LYS B 41 32.03 -3.81 -4.72
C LYS B 41 33.43 -4.25 -5.13
N ASN B 42 34.30 -3.29 -5.40
CA ASN B 42 35.70 -3.56 -5.69
C ASN B 42 35.91 -4.53 -6.85
N GLY B 43 35.09 -4.40 -7.90
CA GLY B 43 35.25 -5.20 -9.10
C GLY B 43 34.55 -6.54 -9.03
N VAL B 44 33.81 -6.77 -7.95
CA VAL B 44 33.16 -8.05 -7.71
C VAL B 44 31.64 -7.92 -7.65
N TYR B 45 30.94 -8.71 -8.47
CA TYR B 45 29.49 -8.77 -8.41
C TYR B 45 29.02 -9.75 -7.34
N ILE B 46 28.06 -9.32 -6.53
CA ILE B 46 27.48 -10.17 -5.50
C ILE B 46 25.97 -10.19 -5.65
N PRO B 47 25.43 -11.27 -6.21
CA PRO B 47 23.98 -11.33 -6.43
C PRO B 47 23.20 -11.15 -5.14
N ALA B 48 22.05 -10.49 -5.23
CA ALA B 48 21.17 -10.31 -4.07
C ALA B 48 20.36 -11.57 -3.86
N ARG B 49 21.05 -12.63 -3.44
CA ARG B 49 20.45 -13.95 -3.31
C ARG B 49 20.94 -14.60 -2.03
N HIS B 50 20.10 -15.45 -1.45
CA HIS B 50 20.38 -16.03 -0.14
C HIS B 50 21.67 -16.86 -0.09
N GLU B 51 22.13 -17.35 -1.24
CA GLU B 51 23.37 -18.13 -1.26
C GLU B 51 24.57 -17.30 -0.76
N PHE B 52 24.50 -15.98 -0.93
CA PHE B 52 25.65 -15.13 -0.62
C PHE B 52 25.57 -14.49 0.78
N VAL B 53 24.54 -14.85 1.53
CA VAL B 53 24.45 -14.42 2.92
C VAL B 53 25.61 -15.01 3.73
N VAL B 54 26.22 -14.18 4.58
CA VAL B 54 27.25 -14.67 5.48
C VAL B 54 26.71 -14.57 6.90
N HIS B 55 27.41 -15.22 7.82
CA HIS B 55 26.90 -15.37 9.17
C HIS B 55 26.96 -14.08 9.99
N THR B 56 25.80 -13.65 10.48
CA THR B 56 25.70 -12.55 11.44
C THR B 56 24.64 -12.92 12.46
N ASN B 57 24.67 -12.27 13.61
CA ASN B 57 23.60 -12.42 14.60
C ASN B 57 22.56 -11.31 14.47
N HIS B 58 22.98 -10.19 13.90
CA HIS B 58 22.09 -9.07 13.64
C HIS B 58 22.37 -8.55 12.24
N SER B 59 21.33 -8.00 11.60
CA SER B 59 21.39 -7.51 10.23
C SER B 59 21.80 -8.56 9.22
N THR B 60 21.58 -8.24 7.95
CA THR B 60 21.86 -9.16 6.87
C THR B 60 23.04 -8.67 6.05
N ASP B 61 24.11 -9.48 6.05
CA ASP B 61 25.33 -9.21 5.32
C ASP B 61 25.49 -10.18 4.16
N LEU B 62 25.97 -9.69 3.02
CA LEU B 62 26.31 -10.55 1.91
C LEU B 62 27.83 -10.54 1.73
N GLY B 63 28.37 -11.60 1.12
CA GLY B 63 29.80 -11.70 0.90
C GLY B 63 30.16 -12.62 -0.25
N PHE B 64 31.24 -12.29 -0.94
CA PHE B 64 31.76 -13.14 -2.01
C PHE B 64 33.17 -12.73 -2.35
N LYS B 65 34.06 -13.71 -2.50
CA LYS B 65 35.40 -13.47 -3.02
C LYS B 65 36.17 -12.39 -2.28
N GLY B 66 36.06 -12.39 -0.95
CA GLY B 66 36.83 -11.46 -0.14
C GLY B 66 36.21 -10.07 -0.08
N GLN B 67 34.96 -9.96 -0.53
CA GLN B 67 34.21 -8.71 -0.39
C GLN B 67 32.99 -8.89 0.48
N ARG B 68 32.77 -7.95 1.40
CA ARG B 68 31.60 -7.97 2.26
C ARG B 68 30.75 -6.72 2.05
N ILE B 69 29.43 -6.88 2.02
CA ILE B 69 28.52 -5.73 2.05
C ILE B 69 27.57 -5.85 3.24
N LYS B 70 27.65 -4.92 4.17
CA LYS B 70 26.91 -5.05 5.42
C LYS B 70 25.54 -4.39 5.37
N THR B 71 24.56 -5.03 6.00
CA THR B 71 23.27 -4.41 6.31
C THR B 71 22.47 -4.06 5.05
N VAL B 72 22.15 -5.10 4.29
CA VAL B 72 21.47 -4.92 3.01
C VAL B 72 19.95 -4.94 3.13
N GLU B 73 19.43 -5.27 4.32
CA GLU B 73 18.00 -5.56 4.43
C GLU B 73 17.11 -4.35 4.09
N HIS B 74 17.58 -3.12 4.33
CA HIS B 74 16.71 -1.96 4.14
C HIS B 74 16.60 -1.53 2.66
N ILE B 75 17.73 -1.49 1.95
CA ILE B 75 17.68 -1.17 0.53
C ILE B 75 16.95 -2.30 -0.22
N LEU B 76 17.19 -3.56 0.14
CA LEU B 76 16.50 -4.68 -0.53
C LEU B 76 15.00 -4.66 -0.29
N SER B 77 14.58 -4.26 0.91
CA SER B 77 13.14 -4.18 1.19
C SER B 77 12.48 -3.13 0.29
N VAL B 78 13.10 -1.97 0.15
CA VAL B 78 12.57 -0.92 -0.71
C VAL B 78 12.48 -1.39 -2.16
N LEU B 79 13.52 -2.06 -2.66
CA LEU B 79 13.50 -2.57 -4.04
C LEU B 79 12.43 -3.65 -4.22
N HIS B 80 12.21 -4.45 -3.19
CA HIS B 80 11.19 -5.49 -3.22
C HIS B 80 9.79 -4.86 -3.31
N LEU B 81 9.56 -3.88 -2.44
CA LEU B 81 8.26 -3.19 -2.37
C LEU B 81 7.93 -2.44 -3.66
N LEU B 82 8.94 -1.95 -4.36
CA LEU B 82 8.70 -1.22 -5.60
C LEU B 82 8.82 -2.12 -6.82
N GLU B 83 9.16 -3.38 -6.55
CA GLU B 83 9.38 -4.42 -7.56
C GLU B 83 10.39 -3.98 -8.63
N ILE B 84 11.48 -3.36 -8.18
CA ILE B 84 12.63 -3.11 -9.04
C ILE B 84 13.35 -4.44 -9.22
N THR B 85 13.54 -4.86 -10.47
CA THR B 85 14.06 -6.19 -10.72
C THR B 85 15.44 -6.20 -11.37
N ASN B 86 15.83 -5.10 -12.00
CA ASN B 86 17.15 -5.06 -12.65
C ASN B 86 17.94 -3.81 -12.26
N VAL B 87 18.87 -3.96 -11.34
CA VAL B 87 19.77 -2.87 -10.96
C VAL B 87 21.09 -3.40 -10.44
N THR B 88 22.11 -2.55 -10.51
CA THR B 88 23.36 -2.87 -9.87
C THR B 88 23.55 -1.89 -8.72
N ILE B 89 23.75 -2.43 -7.53
CA ILE B 89 23.89 -1.60 -6.36
C ILE B 89 25.37 -1.53 -6.02
N GLU B 90 26.01 -0.44 -6.41
CA GLU B 90 27.42 -0.26 -6.15
C GLU B 90 27.60 0.26 -4.73
N VAL B 91 28.54 -0.34 -4.01
CA VAL B 91 28.85 0.12 -2.67
C VAL B 91 30.32 0.48 -2.56
N ILE B 92 30.58 1.71 -2.16
CA ILE B 92 31.93 2.18 -1.89
C ILE B 92 32.03 2.35 -0.40
N GLY B 93 32.65 1.37 0.25
CA GLY B 93 32.60 1.27 1.70
C GLY B 93 32.12 -0.11 2.11
N ASN B 94 31.84 -0.30 3.39
CA ASN B 94 31.63 -1.62 3.90
C ASN B 94 30.18 -1.87 4.30
N GLU B 95 29.39 -0.82 4.29
CA GLU B 95 28.02 -0.90 4.79
C GLU B 95 27.11 0.05 4.03
N ILE B 96 25.90 -0.41 3.72
CA ILE B 96 24.87 0.45 3.17
C ILE B 96 24.65 1.61 4.14
N PRO B 97 24.62 2.86 3.65
CA PRO B 97 24.30 4.00 4.53
C PRO B 97 22.93 3.82 5.18
N ILE B 98 22.82 4.15 6.47
CA ILE B 98 21.55 3.98 7.19
C ILE B 98 20.59 5.14 6.89
N LEU B 99 21.17 6.26 6.47
CA LEU B 99 20.44 7.50 6.18
C LEU B 99 19.56 7.90 7.38
N ASP B 100 18.24 8.03 7.24
CA ASP B 100 17.43 8.49 8.40
C ASP B 100 16.93 7.33 9.27
N GLY B 101 17.36 6.11 8.93
CA GLY B 101 17.03 4.95 9.74
C GLY B 101 15.94 4.08 9.14
N SER B 102 15.26 4.60 8.13
CA SER B 102 14.14 3.93 7.49
C SER B 102 14.44 3.74 6.02
N GLY B 103 13.48 3.19 5.28
CA GLY B 103 13.64 3.06 3.86
C GLY B 103 13.32 4.34 3.09
N TRP B 104 12.93 5.40 3.79
CA TRP B 104 12.28 6.54 3.14
C TRP B 104 13.13 7.22 2.06
N GLU B 105 14.38 7.54 2.36
CA GLU B 105 15.17 8.29 1.39
C GLU B 105 15.42 7.46 0.12
N PHE B 106 15.66 6.17 0.29
CA PHE B 106 15.77 5.26 -0.87
C PHE B 106 14.48 5.24 -1.67
N TYR B 107 13.39 5.04 -0.94
CA TYR B 107 12.08 4.90 -1.54
C TYR B 107 11.63 6.14 -2.31
N GLU B 108 11.81 7.33 -1.72
CA GLU B 108 11.39 8.58 -2.35
C GLU B 108 12.15 8.79 -3.67
N ALA B 109 13.43 8.46 -3.67
CA ALA B 109 14.27 8.66 -4.85
C ALA B 109 13.97 7.65 -5.96
N ILE B 110 13.83 6.39 -5.59
CA ILE B 110 13.59 5.34 -6.57
C ILE B 110 12.18 5.42 -7.16
N ARG B 111 11.18 5.70 -6.33
CA ARG B 111 9.79 5.72 -6.78
C ARG B 111 9.56 6.68 -7.94
N LYS B 112 10.18 7.86 -7.88
CA LYS B 112 10.00 8.85 -8.93
C LYS B 112 10.96 8.67 -10.10
N ASN B 113 11.72 7.58 -10.06
CA ASN B 113 12.68 7.27 -11.13
C ASN B 113 12.53 5.84 -11.63
N ILE B 114 11.32 5.30 -11.56
CA ILE B 114 11.08 3.94 -12.01
C ILE B 114 11.01 3.90 -13.53
N LEU B 115 11.77 2.99 -14.13
CA LEU B 115 11.72 2.81 -15.57
C LEU B 115 11.18 1.43 -15.91
N ASN B 116 9.96 1.38 -16.43
CA ASN B 116 9.33 0.14 -16.85
C ASN B 116 10.02 -0.43 -18.08
N GLN B 117 10.37 -1.71 -18.03
CA GLN B 117 10.95 -2.35 -19.19
C GLN B 117 9.85 -3.10 -19.95
N ASN B 118 10.10 -4.35 -20.34
CA ASN B 118 9.20 -5.00 -21.28
C ASN B 118 8.63 -6.34 -20.76
N ARG B 119 9.52 -7.26 -20.42
CA ARG B 119 9.15 -8.59 -19.95
C ARG B 119 8.34 -8.57 -18.65
N GLU B 120 7.40 -9.50 -18.54
CA GLU B 120 6.57 -9.62 -17.34
C GLU B 120 7.39 -10.26 -16.21
N ILE B 121 7.18 -9.81 -14.98
CA ILE B 121 7.89 -10.37 -13.84
C ILE B 121 7.47 -11.83 -13.55
N ASP B 122 8.47 -12.66 -13.33
N ASP B 122 8.45 -12.68 -13.25
CA ASP B 122 8.26 -13.99 -12.77
CA ASP B 122 8.20 -14.05 -12.82
C ASP B 122 8.35 -13.88 -11.26
C ASP B 122 8.35 -14.19 -11.30
N TYR B 123 7.23 -14.08 -10.59
CA TYR B 123 7.21 -14.02 -9.14
C TYR B 123 7.59 -15.33 -8.44
N PHE B 124 8.23 -15.20 -7.29
CA PHE B 124 8.38 -16.33 -6.38
C PHE B 124 7.05 -16.55 -5.68
N VAL B 125 6.39 -17.64 -5.99
CA VAL B 125 5.09 -17.92 -5.42
C VAL B 125 5.17 -19.03 -4.39
N VAL B 126 4.85 -18.70 -3.14
CA VAL B 126 4.79 -19.70 -2.08
C VAL B 126 3.69 -20.70 -2.43
N GLU B 127 4.04 -21.98 -2.51
CA GLU B 127 3.14 -23.01 -3.02
C GLU B 127 2.55 -23.91 -1.94
N GLU B 128 3.16 -23.91 -0.77
CA GLU B 128 2.67 -24.74 0.33
C GLU B 128 3.06 -24.13 1.67
N PRO B 129 2.27 -24.39 2.72
CA PRO B 129 2.57 -23.82 4.04
C PRO B 129 3.92 -24.29 4.59
N ILE B 130 4.62 -23.40 5.28
CA ILE B 130 5.90 -23.72 5.91
C ILE B 130 6.00 -22.98 7.24
N ILE B 131 6.56 -23.64 8.25
CA ILE B 131 6.79 -22.99 9.54
C ILE B 131 8.22 -23.23 9.99
N VAL B 132 8.89 -22.18 10.41
CA VAL B 132 10.20 -22.34 11.03
C VAL B 132 10.13 -21.79 12.45
N GLU B 133 10.90 -22.39 13.35
CA GLU B 133 10.81 -22.02 14.76
C GLU B 133 12.17 -21.94 15.44
N ASP B 134 12.20 -21.13 16.48
CA ASP B 134 13.31 -21.09 17.43
C ASP B 134 12.65 -21.03 18.81
N GLU B 135 13.44 -21.08 19.88
CA GLU B 135 12.90 -20.97 21.23
C GLU B 135 11.97 -19.76 21.38
N GLY B 136 10.67 -20.01 21.45
CA GLY B 136 9.67 -18.97 21.66
C GLY B 136 9.43 -18.03 20.48
N ARG B 137 9.95 -18.40 19.31
CA ARG B 137 9.80 -17.61 18.09
C ARG B 137 9.31 -18.49 16.96
N LEU B 138 8.52 -17.94 16.04
CA LEU B 138 8.18 -18.68 14.83
C LEU B 138 7.83 -17.77 13.67
N ILE B 139 8.04 -18.26 12.46
CA ILE B 139 7.52 -17.57 11.31
C ILE B 139 6.78 -18.60 10.45
N LYS B 140 5.57 -18.24 10.05
CA LYS B 140 4.76 -19.07 9.18
C LYS B 140 4.61 -18.42 7.80
N ALA B 141 4.62 -19.25 6.76
CA ALA B 141 4.36 -18.77 5.41
C ALA B 141 3.33 -19.67 4.74
N GLU B 142 2.44 -19.08 3.94
CA GLU B 142 1.44 -19.86 3.22
C GLU B 142 1.10 -19.20 1.88
N PRO B 143 0.47 -19.93 0.96
CA PRO B 143 0.15 -19.35 -0.34
C PRO B 143 -0.78 -18.15 -0.27
N SER B 144 -0.53 -17.17 -1.13
CA SER B 144 -1.36 -15.98 -1.26
C SER B 144 -1.10 -15.31 -2.61
N ASP B 145 -2.16 -14.78 -3.22
CA ASP B 145 -2.01 -14.06 -4.49
C ASP B 145 -1.34 -12.72 -4.30
N THR B 146 -1.29 -12.26 -3.05
CA THR B 146 -0.66 -10.99 -2.71
C THR B 146 0.37 -11.20 -1.63
N LEU B 147 1.37 -10.31 -1.57
CA LEU B 147 2.28 -10.32 -0.44
C LEU B 147 1.59 -9.70 0.77
N GLU B 148 1.56 -10.45 1.87
CA GLU B 148 1.04 -9.96 3.14
C GLU B 148 2.00 -10.40 4.23
N VAL B 149 2.35 -9.48 5.13
CA VAL B 149 3.35 -9.77 6.16
C VAL B 149 2.93 -9.16 7.48
N THR B 150 2.74 -10.04 8.47
CA THR B 150 2.39 -9.64 9.83
C THR B 150 3.54 -9.89 10.76
N TYR B 151 3.86 -8.90 11.60
CA TYR B 151 4.79 -9.15 12.69
C TYR B 151 4.08 -8.90 14.01
N GLU B 152 4.23 -9.86 14.93
CA GLU B 152 3.74 -9.71 16.29
C GLU B 152 4.88 -9.93 17.26
N GLY B 153 5.12 -8.95 18.12
CA GLY B 153 6.17 -9.12 19.11
C GLY B 153 5.96 -8.23 20.31
N GLU B 154 6.69 -8.48 21.38
CA GLU B 154 6.63 -7.56 22.50
C GLU B 154 8.02 -7.01 22.79
N PHE B 155 8.03 -5.82 23.35
CA PHE B 155 9.27 -5.19 23.79
C PHE B 155 9.26 -5.02 25.29
N LYS B 156 10.42 -5.22 25.90
CA LYS B 156 10.53 -5.14 27.35
C LYS B 156 10.58 -3.68 27.79
N ASN B 157 9.52 -2.95 27.47
CA ASN B 157 9.34 -1.59 27.94
C ASN B 157 7.87 -1.18 27.80
N PHE B 158 7.60 0.12 27.87
CA PHE B 158 6.22 0.60 27.88
C PHE B 158 5.43 0.22 26.64
N LEU B 159 6.12 -0.06 25.54
CA LEU B 159 5.45 -0.44 24.30
C LEU B 159 4.70 -1.77 24.40
N GLY B 160 5.24 -2.68 25.19
CA GLY B 160 4.63 -3.98 25.39
C GLY B 160 4.44 -4.72 24.09
N ARG B 161 3.30 -5.38 23.95
CA ARG B 161 3.03 -6.17 22.75
C ARG B 161 2.61 -5.25 21.60
N GLN B 162 3.18 -5.49 20.42
CA GLN B 162 2.77 -4.75 19.23
C GLN B 162 2.53 -5.72 18.09
N LYS B 163 1.68 -5.31 17.15
CA LYS B 163 1.37 -6.15 16.01
C LYS B 163 1.00 -5.29 14.84
N PHE B 164 1.49 -5.66 13.66
CA PHE B 164 1.17 -4.90 12.47
C PHE B 164 1.12 -5.82 11.27
N THR B 165 0.14 -5.58 10.39
CA THR B 165 0.03 -6.36 9.15
C THR B 165 0.21 -5.47 7.92
N PHE B 166 1.26 -5.72 7.15
CA PHE B 166 1.47 -5.07 5.87
C PHE B 166 0.75 -5.84 4.77
N VAL B 167 0.02 -5.12 3.92
CA VAL B 167 -0.55 -5.71 2.72
C VAL B 167 -0.02 -4.95 1.50
N GLU B 168 0.41 -5.70 0.50
CA GLU B 168 0.85 -5.18 -0.79
C GLU B 168 -0.03 -4.02 -1.28
N GLY B 169 0.60 -2.92 -1.69
CA GLY B 169 -0.12 -1.75 -2.16
C GLY B 169 -0.27 -0.69 -1.07
N ASN B 170 0.33 -0.95 0.08
CA ASN B 170 0.26 0.00 1.20
C ASN B 170 1.62 0.25 1.82
N GLU B 171 2.67 0.25 1.00
CA GLU B 171 4.02 0.26 1.55
C GLU B 171 4.37 1.56 2.27
N GLU B 172 3.58 2.62 2.07
CA GLU B 172 3.81 3.87 2.80
C GLU B 172 3.69 3.66 4.31
N GLU B 173 2.99 2.61 4.69
CA GLU B 173 2.81 2.29 6.11
C GLU B 173 4.07 1.73 6.77
N ILE B 174 5.07 1.34 5.99
CA ILE B 174 6.28 0.76 6.59
C ILE B 174 7.60 1.36 6.13
N VAL B 175 7.62 2.08 5.01
CA VAL B 175 8.92 2.56 4.50
C VAL B 175 9.47 3.77 5.24
N LEU B 176 8.72 4.32 6.19
CA LEU B 176 9.25 5.40 7.02
C LEU B 176 9.56 4.97 8.45
N ALA B 177 9.34 3.69 8.74
CA ALA B 177 9.56 3.14 10.08
C ALA B 177 11.06 2.95 10.35
N ARG B 178 11.58 3.62 11.36
CA ARG B 178 13.01 3.60 11.61
C ARG B 178 13.50 2.38 12.37
N THR B 179 14.76 2.03 12.15
CA THR B 179 15.44 1.05 12.99
C THR B 179 15.45 1.60 14.41
N PHE B 180 15.67 0.74 15.39
CA PHE B 180 15.48 1.16 16.77
C PHE B 180 16.40 0.43 17.72
N ALA B 181 16.65 1.03 18.88
CA ALA B 181 17.53 0.45 19.87
C ALA B 181 17.05 0.82 21.27
N PHE B 182 17.48 0.03 22.26
CA PHE B 182 17.05 0.27 23.63
C PHE B 182 18.20 0.76 24.47
N ASP B 183 17.93 1.71 25.35
CA ASP B 183 18.99 2.42 26.06
C ASP B 183 19.83 1.50 26.94
N TRP B 184 19.21 0.46 27.50
CA TRP B 184 19.95 -0.45 28.39
C TRP B 184 20.79 -1.45 27.60
N GLU B 185 20.67 -1.42 26.27
CA GLU B 185 21.41 -2.36 25.42
C GLU B 185 22.53 -1.68 24.62
N ILE B 186 22.45 -0.35 24.49
CA ILE B 186 23.30 0.38 23.56
C ILE B 186 24.79 0.30 23.93
N GLU B 187 25.11 0.51 25.20
CA GLU B 187 26.50 0.42 25.65
C GLU B 187 27.10 -0.96 25.34
N HIS B 188 26.33 -2.02 25.58
CA HIS B 188 26.80 -3.38 25.34
C HIS B 188 26.98 -3.69 23.85
N ILE B 189 25.97 -3.39 23.04
CA ILE B 189 26.03 -3.73 21.62
C ILE B 189 27.16 -2.96 20.93
N LYS B 190 27.48 -1.78 21.43
CA LYS B 190 28.60 -1.01 20.90
C LYS B 190 29.93 -1.69 21.20
N LYS B 191 29.99 -2.43 22.30
CA LYS B 191 31.18 -3.18 22.65
C LYS B 191 31.43 -4.31 21.64
N VAL B 192 30.36 -4.91 21.14
CA VAL B 192 30.50 -5.98 20.16
C VAL B 192 30.34 -5.47 18.73
N GLY B 193 30.62 -4.17 18.55
CA GLY B 193 30.72 -3.59 17.21
C GLY B 193 29.42 -3.28 16.49
N LEU B 194 28.30 -3.31 17.20
CA LEU B 194 27.02 -2.93 16.61
C LEU B 194 26.66 -1.50 16.97
N GLY B 195 25.83 -0.89 16.12
CA GLY B 195 25.30 0.44 16.39
C GLY B 195 26.30 1.57 16.53
N LYS B 196 27.53 1.36 16.06
CA LYS B 196 28.56 2.38 16.18
C LYS B 196 28.23 3.66 15.40
N GLY B 197 27.31 3.55 14.45
CA GLY B 197 26.86 4.70 13.67
C GLY B 197 25.56 5.29 14.19
N GLY B 198 25.02 4.71 15.26
CA GLY B 198 23.73 5.11 15.78
C GLY B 198 23.72 6.50 16.39
N SER B 199 22.64 7.23 16.14
CA SER B 199 22.39 8.51 16.80
C SER B 199 20.90 8.77 16.81
N LEU B 200 20.48 9.85 17.45
CA LEU B 200 19.06 10.18 17.42
C LEU B 200 18.63 10.55 16.02
N LYS B 201 19.60 10.86 15.16
CA LYS B 201 19.32 11.29 13.80
C LYS B 201 18.98 10.14 12.87
N ASN B 202 19.30 8.90 13.26
CA ASN B 202 19.03 7.76 12.39
C ASN B 202 18.43 6.56 13.12
N THR B 203 18.22 6.71 14.42
CA THR B 203 17.71 5.61 15.24
C THR B 203 16.63 6.07 16.21
N LEU B 204 15.52 5.34 16.25
CA LEU B 204 14.53 5.50 17.30
C LEU B 204 15.09 4.88 18.58
N VAL B 205 15.45 5.71 19.55
CA VAL B 205 16.06 5.19 20.77
C VAL B 205 15.02 5.17 21.90
N LEU B 206 14.87 4.01 22.52
CA LEU B 206 13.80 3.78 23.49
C LEU B 206 14.33 3.47 24.87
N GLY B 207 13.69 4.02 25.88
CA GLY B 207 13.99 3.68 27.26
C GLY B 207 12.91 2.77 27.81
N LYS B 208 12.97 2.51 29.11
CA LYS B 208 11.96 1.64 29.73
C LYS B 208 10.57 2.28 29.70
N ASP B 209 10.49 3.61 29.84
CA ASP B 209 9.20 4.26 29.78
C ASP B 209 9.24 5.61 29.06
N LYS B 210 10.17 5.79 28.14
CA LYS B 210 10.21 7.02 27.36
C LYS B 210 10.88 6.85 26.01
N VAL B 211 10.67 7.83 25.14
CA VAL B 211 11.35 7.87 23.84
C VAL B 211 12.38 8.99 23.88
N TYR B 212 13.63 8.68 23.57
CA TYR B 212 14.69 9.68 23.67
C TYR B 212 14.63 10.72 22.56
N ASN B 213 14.11 10.33 21.39
CA ASN B 213 13.99 11.25 20.26
C ASN B 213 12.99 12.34 20.57
N PRO B 214 13.42 13.61 20.44
CA PRO B 214 12.58 14.78 20.75
C PRO B 214 11.24 14.79 20.02
N GLU B 215 11.24 14.31 18.78
CA GLU B 215 10.04 14.30 17.94
C GLU B 215 9.20 13.04 18.17
N GLY B 216 9.71 12.12 18.98
CA GLY B 216 8.95 10.94 19.37
C GLY B 216 8.78 9.91 18.27
N LEU B 217 7.74 9.09 18.39
CA LEU B 217 7.47 8.03 17.43
C LEU B 217 6.83 8.55 16.14
N ARG B 218 7.14 7.91 15.01
CA ARG B 218 6.45 8.21 13.76
C ARG B 218 5.12 7.45 13.69
N TYR B 219 5.07 6.32 14.38
CA TYR B 219 3.87 5.49 14.50
C TYR B 219 3.85 4.91 15.91
N GLU B 220 2.66 4.76 16.48
CA GLU B 220 2.53 4.14 17.81
C GLU B 220 3.28 2.82 17.85
N ASN B 221 3.19 2.03 16.78
CA ASN B 221 3.90 0.76 16.68
C ASN B 221 5.05 0.77 15.66
N GLU B 222 5.79 1.86 15.61
CA GLU B 222 6.88 2.01 14.65
C GLU B 222 7.86 0.83 14.66
N PRO B 223 8.24 0.32 15.86
CA PRO B 223 9.21 -0.78 15.83
C PRO B 223 8.74 -2.03 15.08
N VAL B 224 7.50 -2.47 15.27
CA VAL B 224 7.12 -3.70 14.57
C VAL B 224 6.91 -3.42 13.09
N ARG B 225 6.51 -2.20 12.75
CA ARG B 225 6.48 -1.81 11.33
C ARG B 225 7.86 -1.97 10.72
N HIS B 226 8.88 -1.57 11.46
CA HIS B 226 10.23 -1.73 10.94
C HIS B 226 10.64 -3.21 10.82
N LYS B 227 10.22 -4.05 11.76
CA LYS B 227 10.61 -5.46 11.68
C LYS B 227 9.90 -6.14 10.51
N VAL B 228 8.69 -5.69 10.19
CA VAL B 228 8.02 -6.15 8.97
C VAL B 228 8.82 -5.74 7.73
N PHE B 229 9.27 -4.49 7.72
CA PHE B 229 10.11 -3.93 6.67
C PHE B 229 11.39 -4.78 6.52
N ASP B 230 12.01 -5.13 7.64
CA ASP B 230 13.21 -5.97 7.62
C ASP B 230 12.96 -7.31 6.93
N LEU B 231 11.88 -7.99 7.33
CA LEU B 231 11.59 -9.32 6.81
C LEU B 231 11.33 -9.28 5.30
N ILE B 232 10.71 -8.21 4.82
CA ILE B 232 10.47 -8.07 3.39
C ILE B 232 11.80 -7.92 2.64
N GLY B 233 12.78 -7.29 3.27
CA GLY B 233 14.11 -7.19 2.69
C GLY B 233 14.77 -8.56 2.56
N ASP B 234 14.68 -9.36 3.61
CA ASP B 234 15.25 -10.71 3.59
C ASP B 234 14.56 -11.59 2.57
N LEU B 235 13.24 -11.45 2.45
CA LEU B 235 12.49 -12.26 1.48
C LEU B 235 12.94 -12.02 0.05
N TYR B 236 13.46 -10.83 -0.23
CA TYR B 236 13.88 -10.51 -1.60
C TYR B 236 15.16 -11.26 -1.98
N LEU B 237 15.79 -11.88 -0.98
CA LEU B 237 16.93 -12.77 -1.24
C LEU B 237 16.51 -14.09 -1.91
N LEU B 238 15.21 -14.28 -2.10
CA LEU B 238 14.73 -15.41 -2.90
C LEU B 238 14.94 -15.18 -4.40
N GLY B 239 15.27 -13.94 -4.78
CA GLY B 239 15.66 -13.65 -6.14
C GLY B 239 14.58 -13.12 -7.07
N SER B 240 13.36 -13.00 -6.56
CA SER B 240 12.22 -12.48 -7.32
C SER B 240 11.24 -11.90 -6.32
N PRO B 241 10.39 -10.95 -6.77
CA PRO B 241 9.37 -10.46 -5.84
C PRO B 241 8.47 -11.58 -5.37
N VAL B 242 8.02 -11.51 -4.12
CA VAL B 242 7.40 -12.65 -3.46
C VAL B 242 5.89 -12.52 -3.27
N LYS B 243 5.16 -13.58 -3.60
CA LYS B 243 3.73 -13.65 -3.34
C LYS B 243 3.47 -14.74 -2.31
N GLY B 244 3.03 -14.32 -1.13
CA GLY B 244 2.74 -15.26 -0.05
C GLY B 244 2.28 -14.48 1.15
N LYS B 245 1.70 -15.18 2.11
CA LYS B 245 1.20 -14.57 3.34
C LYS B 245 2.07 -15.06 4.49
N PHE B 246 2.66 -14.13 5.23
CA PHE B 246 3.65 -14.46 6.26
C PHE B 246 3.21 -13.97 7.63
N TYR B 247 3.51 -14.75 8.67
CA TYR B 247 3.28 -14.34 10.04
C TYR B 247 4.52 -14.62 10.86
N SER B 248 5.17 -13.56 11.32
CA SER B 248 6.33 -13.67 12.19
C SER B 248 5.95 -13.36 13.63
N PHE B 249 6.05 -14.36 14.49
CA PHE B 249 5.84 -14.18 15.92
C PHE B 249 7.18 -14.08 16.65
N ARG B 250 7.56 -12.85 16.97
CA ARG B 250 8.82 -12.55 17.66
C ARG B 250 10.02 -13.01 16.81
N GLY B 251 9.87 -12.96 15.50
CA GLY B 251 10.93 -13.37 14.59
C GLY B 251 12.11 -12.40 14.59
N GLY B 252 13.24 -12.86 14.10
CA GLY B 252 14.44 -12.05 14.05
C GLY B 252 15.33 -12.55 12.94
N HIS B 253 16.51 -11.95 12.82
CA HIS B 253 17.41 -12.23 11.69
C HIS B 253 17.65 -13.72 11.39
N SER B 254 18.02 -14.51 12.40
CA SER B 254 18.42 -15.88 12.08
C SER B 254 17.21 -16.66 11.59
N LEU B 255 16.02 -16.36 12.14
CA LEU B 255 14.82 -17.09 11.75
C LEU B 255 14.36 -16.65 10.37
N ASN B 256 14.53 -15.37 10.06
CA ASN B 256 14.25 -14.84 8.72
C ASN B 256 15.05 -15.58 7.65
N VAL B 257 16.34 -15.74 7.91
CA VAL B 257 17.24 -16.43 6.97
C VAL B 257 16.85 -17.91 6.84
N LYS B 258 16.52 -18.54 7.97
CA LYS B 258 16.08 -19.93 7.96
C LYS B 258 14.84 -20.11 7.08
N LEU B 259 13.89 -19.19 7.22
CA LEU B 259 12.67 -19.24 6.41
C LEU B 259 12.99 -19.14 4.93
N VAL B 260 13.80 -18.15 4.58
CA VAL B 260 14.23 -17.95 3.20
C VAL B 260 14.89 -19.21 2.63
N LYS B 261 15.80 -19.81 3.38
CA LYS B 261 16.51 -20.96 2.83
C LYS B 261 15.60 -22.18 2.71
N GLU B 262 14.65 -22.32 3.63
CA GLU B 262 13.70 -23.43 3.52
C GLU B 262 12.75 -23.24 2.35
N LEU B 263 12.30 -21.99 2.13
CA LEU B 263 11.46 -21.67 0.98
C LEU B 263 12.20 -21.91 -0.33
N ALA B 264 13.45 -21.48 -0.39
CA ALA B 264 14.28 -21.71 -1.56
C ALA B 264 14.47 -23.20 -1.84
N LYS B 265 14.62 -23.97 -0.76
CA LYS B 265 14.82 -25.41 -0.89
C LYS B 265 13.61 -26.06 -1.55
N LYS B 266 12.42 -25.65 -1.12
CA LYS B 266 11.19 -26.26 -1.62
C LYS B 266 10.97 -26.00 -3.11
N GLN B 267 11.47 -24.88 -3.62
CA GLN B 267 11.22 -24.54 -5.02
C GLN B 267 12.44 -24.77 -5.91
N LYS B 268 13.48 -25.39 -5.35
CA LYS B 268 14.70 -25.68 -6.10
C LYS B 268 14.44 -26.64 -7.25
#